data_1OUT
#
_entry.id   1OUT
#
_cell.length_a   63.280
_cell.length_b   63.280
_cell.length_c   312.740
_cell.angle_alpha   90.00
_cell.angle_beta   90.00
_cell.angle_gamma   120.00
#
_symmetry.space_group_name_H-M   'P 65 2 2'
#
loop_
_entity.id
_entity.type
_entity.pdbx_description
1 polymer 'HEMOGLOBIN I'
2 polymer 'HEMOGLOBIN I'
3 non-polymer 'PROTOPORPHYRIN IX CONTAINING FE'
4 water water
#
loop_
_entity_poly.entity_id
_entity_poly.type
_entity_poly.pdbx_seq_one_letter_code
_entity_poly.pdbx_strand_id
1 'polypeptide(L)'
;(ACE)SLTAKDKSVVKAFWGKISGKADVVGAEALGRMLTAYPQTKTYFSHWADLSPGSGPVKKHGGIIMGAIGKAVGLMD
DLVGGMSALSDLHAFKLRVDPGNFKILSHNILVTLAIHFPSDFTPEVHIAVDKFLAAVSAALADKYR
;
A
2 'polypeptide(L)'
;VEWTDAEKSTISAVWGKVNIDEIGPLALARVLIVYPWTQRYFGSFGNVSTPAAIMGNPKVAAHGKVVCGALDKAVKNMGN
ILATYKSLSETHANKLFVDPDNFRVLADVLTIVIAAKFGASFTPEIQATWQKFMKVVVAAMGSRYF
;
B
#
# COMPACT_ATOMS: atom_id res chain seq x y z
N SER A 2 -14.92 9.85 -4.45
CA SER A 2 -15.87 10.94 -4.20
C SER A 2 -15.28 11.73 -3.01
N LEU A 3 -14.54 12.77 -3.40
CA LEU A 3 -13.90 13.58 -2.38
C LEU A 3 -14.88 14.46 -1.65
N THR A 4 -14.83 14.34 -0.33
CA THR A 4 -15.69 15.21 0.49
C THR A 4 -14.85 16.45 0.78
N ALA A 5 -15.48 17.48 1.36
CA ALA A 5 -14.69 18.70 1.66
C ALA A 5 -13.63 18.39 2.72
N LYS A 6 -13.91 17.50 3.67
CA LYS A 6 -12.94 17.07 4.67
C LYS A 6 -11.75 16.39 4.00
N ASP A 7 -12.09 15.47 3.06
CA ASP A 7 -11.00 14.82 2.34
C ASP A 7 -10.09 15.89 1.72
N LYS A 8 -10.72 16.85 1.01
CA LYS A 8 -9.93 17.90 0.36
C LYS A 8 -9.12 18.76 1.33
N SER A 9 -9.68 19.04 2.51
CA SER A 9 -8.90 19.87 3.45
C SER A 9 -7.72 19.07 4.00
N VAL A 10 -7.91 17.79 4.27
CA VAL A 10 -6.82 16.92 4.71
C VAL A 10 -5.71 16.82 3.67
N VAL A 11 -6.07 16.53 2.43
CA VAL A 11 -5.07 16.43 1.34
C VAL A 11 -4.28 17.72 1.25
N LYS A 12 -4.97 18.86 1.28
CA LYS A 12 -4.33 20.19 1.24
C LYS A 12 -3.44 20.50 2.45
N ALA A 13 -3.86 20.20 3.68
CA ALA A 13 -2.98 20.44 4.83
C ALA A 13 -1.73 19.57 4.78
N PHE A 14 -1.84 18.30 4.34
CA PHE A 14 -0.71 17.38 4.25
C PHE A 14 0.25 17.74 3.10
N TRP A 15 -0.33 18.15 1.97
CA TRP A 15 0.46 18.51 0.83
C TRP A 15 1.34 19.73 1.05
N GLY A 16 0.79 20.75 1.75
CA GLY A 16 1.64 21.94 1.99
C GLY A 16 2.92 21.49 2.72
N LYS A 17 2.78 20.56 3.66
CA LYS A 17 3.87 20.00 4.42
C LYS A 17 4.81 19.13 3.62
N ILE A 18 4.33 18.49 2.57
CA ILE A 18 5.15 17.59 1.76
C ILE A 18 5.75 18.19 0.54
N SER A 19 5.19 19.27 0.02
CA SER A 19 5.61 19.87 -1.25
C SER A 19 7.09 20.06 -1.47
N GLY A 20 7.97 20.37 -0.53
CA GLY A 20 9.38 20.49 -0.82
C GLY A 20 10.09 19.23 -1.24
N LYS A 21 9.64 18.06 -0.86
CA LYS A 21 10.29 16.80 -1.20
C LYS A 21 9.58 15.98 -2.27
N ALA A 22 8.74 16.60 -3.07
CA ALA A 22 7.91 15.95 -4.07
C ALA A 22 8.68 15.27 -5.17
N ASP A 23 9.81 15.84 -5.55
CA ASP A 23 10.64 15.23 -6.59
C ASP A 23 11.28 13.96 -6.07
N VAL A 24 11.71 14.08 -4.78
CA VAL A 24 12.32 12.92 -4.11
C VAL A 24 11.28 11.80 -3.95
N VAL A 25 10.09 12.23 -3.53
CA VAL A 25 8.97 11.31 -3.34
C VAL A 25 8.63 10.69 -4.69
N GLY A 26 8.44 11.43 -5.78
CA GLY A 26 8.13 10.88 -7.08
C GLY A 26 9.18 9.87 -7.52
N ALA A 27 10.42 10.34 -7.51
CA ALA A 27 11.54 9.50 -7.97
C ALA A 27 11.51 8.16 -7.26
N GLU A 28 11.40 8.22 -5.91
CA GLU A 28 11.38 6.99 -5.14
C GLU A 28 10.11 6.16 -5.34
N ALA A 29 8.95 6.75 -5.53
CA ALA A 29 7.72 5.88 -5.69
C ALA A 29 7.74 5.13 -6.99
N LEU A 30 8.20 5.81 -8.07
CA LEU A 30 8.35 5.15 -9.38
C LEU A 30 9.37 4.01 -9.27
N GLY A 31 10.50 4.33 -8.61
CA GLY A 31 11.59 3.36 -8.45
C GLY A 31 11.08 2.10 -7.75
N ARG A 32 10.35 2.32 -6.67
CA ARG A 32 9.76 1.25 -5.86
C ARG A 32 8.78 0.43 -6.69
N MET A 33 7.89 1.10 -7.45
CA MET A 33 6.96 0.39 -8.31
C MET A 33 7.65 -0.51 -9.33
N LEU A 34 8.71 -0.05 -9.99
CA LEU A 34 9.37 -0.84 -11.04
C LEU A 34 10.07 -2.06 -10.50
N THR A 35 10.66 -1.86 -9.33
CA THR A 35 11.36 -2.94 -8.65
C THR A 35 10.47 -3.92 -7.93
N ALA A 36 9.41 -3.49 -7.21
CA ALA A 36 8.61 -4.44 -6.45
C ALA A 36 7.47 -5.00 -7.26
N TYR A 37 7.12 -4.30 -8.34
CA TYR A 37 6.01 -4.70 -9.25
C TYR A 37 6.55 -4.70 -10.66
N PRO A 38 7.40 -5.67 -11.00
CA PRO A 38 8.12 -5.72 -12.27
C PRO A 38 7.29 -5.82 -13.52
N GLN A 39 6.01 -6.12 -13.44
CA GLN A 39 5.09 -6.12 -14.55
C GLN A 39 4.91 -4.70 -15.11
N THR A 40 5.21 -3.67 -14.31
CA THR A 40 5.02 -2.32 -14.80
C THR A 40 6.22 -1.88 -15.61
N LYS A 41 7.32 -2.65 -15.51
CA LYS A 41 8.52 -2.37 -16.29
C LYS A 41 8.25 -2.50 -17.79
N THR A 42 7.17 -3.21 -18.16
CA THR A 42 6.84 -3.41 -19.55
C THR A 42 6.57 -2.07 -20.23
N TYR A 43 6.11 -1.05 -19.54
CA TYR A 43 5.91 0.21 -20.25
C TYR A 43 7.18 1.02 -20.41
N PHE A 44 8.30 0.67 -19.76
CA PHE A 44 9.48 1.56 -19.87
C PHE A 44 10.63 0.82 -20.48
N SER A 45 10.37 -0.01 -21.50
CA SER A 45 11.45 -0.84 -22.08
C SER A 45 12.44 -0.11 -22.97
N HIS A 46 12.20 1.11 -23.41
CA HIS A 46 13.10 1.93 -24.15
C HIS A 46 14.15 2.60 -23.23
N TRP A 47 13.83 2.75 -21.95
CA TRP A 47 14.70 3.41 -21.01
C TRP A 47 15.92 2.51 -20.74
N ALA A 48 17.05 3.19 -20.67
CA ALA A 48 18.33 2.56 -20.44
C ALA A 48 18.47 1.84 -19.12
N ASP A 49 18.02 2.50 -18.06
CA ASP A 49 18.11 2.01 -16.70
C ASP A 49 16.78 2.26 -15.97
N LEU A 50 16.28 1.16 -15.41
CA LEU A 50 14.99 1.18 -14.71
C LEU A 50 15.15 1.00 -13.21
N SER A 51 16.43 1.01 -12.77
CA SER A 51 16.78 0.90 -11.39
C SER A 51 16.45 2.17 -10.60
N PRO A 52 16.20 1.89 -9.33
CA PRO A 52 15.89 2.94 -8.35
C PRO A 52 17.12 3.83 -8.31
N GLY A 53 16.91 5.12 -8.55
CA GLY A 53 18.07 6.03 -8.54
C GLY A 53 18.56 6.28 -9.95
N SER A 54 18.09 5.55 -10.98
CA SER A 54 18.59 5.89 -12.34
C SER A 54 18.00 7.23 -12.78
N GLY A 55 18.66 7.92 -13.70
CA GLY A 55 18.23 9.19 -14.26
C GLY A 55 16.82 9.18 -14.82
N PRO A 56 16.56 8.26 -15.77
CA PRO A 56 15.25 8.10 -16.39
C PRO A 56 14.21 8.09 -15.28
N VAL A 57 14.35 7.17 -14.34
CA VAL A 57 13.49 7.03 -13.18
C VAL A 57 13.32 8.28 -12.33
N LYS A 58 14.41 8.85 -11.88
CA LYS A 58 14.43 10.06 -11.08
C LYS A 58 13.78 11.18 -11.86
N LYS A 59 14.07 11.33 -13.17
CA LYS A 59 13.41 12.43 -13.89
C LYS A 59 11.91 12.25 -14.05
N HIS A 60 11.57 11.01 -14.49
CA HIS A 60 10.16 10.71 -14.73
C HIS A 60 9.36 10.79 -13.45
N GLY A 61 9.84 10.24 -12.33
CA GLY A 61 9.12 10.39 -11.06
C GLY A 61 8.83 11.84 -10.64
N GLY A 62 9.70 12.80 -10.88
CA GLY A 62 9.37 14.19 -10.49
C GLY A 62 8.26 14.71 -11.39
N ILE A 63 8.29 14.33 -12.67
CA ILE A 63 7.24 14.71 -13.62
C ILE A 63 5.89 14.17 -13.14
N ILE A 64 5.85 12.88 -12.76
CA ILE A 64 4.57 12.36 -12.28
C ILE A 64 4.13 13.05 -11.00
N MET A 65 5.00 13.27 -10.00
CA MET A 65 4.60 13.92 -8.76
C MET A 65 4.05 15.34 -8.97
N GLY A 66 4.71 16.00 -9.93
CA GLY A 66 4.34 17.33 -10.37
C GLY A 66 2.89 17.36 -10.81
N ALA A 67 2.55 16.46 -11.71
CA ALA A 67 1.15 16.39 -12.18
C ALA A 67 0.25 16.13 -11.01
N ILE A 68 0.63 15.27 -10.05
CA ILE A 68 -0.27 15.05 -8.89
C ILE A 68 -0.40 16.29 -8.02
N GLY A 69 0.68 17.05 -7.81
CA GLY A 69 0.63 18.26 -7.00
C GLY A 69 -0.32 19.26 -7.68
N LYS A 70 -0.27 19.26 -9.02
CA LYS A 70 -1.18 20.09 -9.81
C LYS A 70 -2.60 19.61 -9.51
N ALA A 71 -2.82 18.29 -9.44
CA ALA A 71 -4.16 17.78 -9.13
C ALA A 71 -4.69 18.26 -7.79
N VAL A 72 -3.85 18.54 -6.79
CA VAL A 72 -4.36 19.02 -5.49
C VAL A 72 -5.14 20.32 -5.67
N GLY A 73 -4.70 21.19 -6.56
CA GLY A 73 -5.36 22.42 -6.96
C GLY A 73 -6.60 22.14 -7.82
N LEU A 74 -6.71 21.02 -8.53
CA LEU A 74 -7.88 20.72 -9.34
C LEU A 74 -8.89 19.81 -8.68
N MET A 75 -8.86 19.60 -7.37
CA MET A 75 -9.76 18.60 -6.77
C MET A 75 -11.22 18.77 -7.02
N ASP A 76 -11.70 19.93 -7.41
CA ASP A 76 -13.12 20.17 -7.66
C ASP A 76 -13.57 19.52 -8.94
N ASP A 77 -12.63 19.45 -9.89
CA ASP A 77 -12.94 18.83 -11.18
C ASP A 77 -11.66 18.23 -11.76
N LEU A 78 -11.46 17.02 -11.25
CA LEU A 78 -10.28 16.21 -11.60
C LEU A 78 -10.48 15.62 -12.98
N VAL A 79 -11.66 15.05 -13.25
CA VAL A 79 -12.02 14.53 -14.56
C VAL A 79 -11.75 15.56 -15.64
N GLY A 80 -12.33 16.76 -15.44
CA GLY A 80 -12.11 17.88 -16.34
C GLY A 80 -10.69 18.39 -16.22
N GLY A 81 -10.13 18.43 -15.01
CA GLY A 81 -8.77 18.95 -14.82
C GLY A 81 -7.69 18.08 -15.43
N MET A 82 -7.84 16.76 -15.28
CA MET A 82 -7.01 15.71 -15.78
C MET A 82 -7.25 15.31 -17.24
N SER A 83 -8.24 15.88 -17.90
CA SER A 83 -8.63 15.60 -19.25
C SER A 83 -7.53 15.37 -20.26
N ALA A 84 -6.59 16.28 -20.47
CA ALA A 84 -5.50 16.17 -21.41
C ALA A 84 -4.49 15.08 -21.11
N LEU A 85 -4.24 14.85 -19.84
CA LEU A 85 -3.27 13.77 -19.48
C LEU A 85 -3.87 12.38 -19.64
N SER A 86 -5.21 12.28 -19.54
CA SER A 86 -6.02 11.12 -19.70
C SER A 86 -5.91 10.69 -21.16
N ASP A 87 -6.17 11.73 -21.98
CA ASP A 87 -6.10 11.59 -23.43
C ASP A 87 -4.79 10.96 -23.83
N LEU A 88 -3.71 11.44 -23.28
CA LEU A 88 -2.35 11.00 -23.51
C LEU A 88 -2.12 9.54 -23.09
N HIS A 89 -2.59 9.24 -21.88
CA HIS A 89 -2.41 7.92 -21.32
C HIS A 89 -3.30 6.97 -22.09
N ALA A 90 -4.49 7.47 -22.48
CA ALA A 90 -5.47 6.68 -23.17
C ALA A 90 -5.14 6.36 -24.61
N PHE A 91 -4.66 7.33 -25.39
CA PHE A 91 -4.42 7.14 -26.80
C PHE A 91 -3.01 7.09 -27.27
N LYS A 92 -2.09 7.63 -26.50
CA LYS A 92 -0.68 7.62 -26.95
C LYS A 92 0.06 6.48 -26.28
N LEU A 93 0.02 6.57 -24.94
CA LEU A 93 0.72 5.56 -24.11
C LEU A 93 -0.02 4.27 -23.98
N ARG A 94 -1.35 4.23 -23.89
CA ARG A 94 -2.13 2.99 -23.76
C ARG A 94 -1.68 2.16 -22.54
N VAL A 95 -1.63 2.88 -21.40
CA VAL A 95 -1.24 2.25 -20.14
C VAL A 95 -2.48 1.61 -19.47
N ASP A 96 -2.42 0.29 -19.25
CA ASP A 96 -3.58 -0.33 -18.58
C ASP A 96 -3.85 0.42 -17.28
N PRO A 97 -5.07 0.91 -17.09
CA PRO A 97 -5.52 1.66 -15.94
C PRO A 97 -5.25 1.04 -14.58
N GLY A 98 -5.28 -0.28 -14.46
CA GLY A 98 -4.94 -1.01 -13.25
C GLY A 98 -3.55 -0.69 -12.74
N ASN A 99 -2.62 -0.22 -13.59
CA ASN A 99 -1.30 0.20 -13.12
C ASN A 99 -1.37 1.48 -12.30
N PHE A 100 -2.44 2.27 -12.43
CA PHE A 100 -2.56 3.49 -11.64
C PHE A 100 -2.65 3.14 -10.17
N LYS A 101 -3.34 2.04 -9.86
CA LYS A 101 -3.44 1.74 -8.39
C LYS A 101 -2.13 1.28 -7.81
N ILE A 102 -1.28 0.64 -8.65
CA ILE A 102 0.01 0.14 -8.19
C ILE A 102 0.89 1.31 -7.83
N LEU A 103 0.88 2.31 -8.73
CA LEU A 103 1.70 3.49 -8.50
C LEU A 103 1.21 4.09 -7.18
N SER A 104 -0.13 4.27 -7.07
CA SER A 104 -0.68 4.88 -5.86
C SER A 104 -0.18 4.21 -4.59
N HIS A 105 -0.26 2.88 -4.51
CA HIS A 105 0.27 2.17 -3.36
C HIS A 105 1.74 2.48 -3.14
N ASN A 106 2.58 2.51 -4.17
CA ASN A 106 4.02 2.85 -3.97
C ASN A 106 4.25 4.27 -3.53
N ILE A 107 3.32 5.19 -3.82
CA ILE A 107 3.37 6.58 -3.35
C ILE A 107 3.10 6.62 -1.86
N LEU A 108 2.11 5.85 -1.40
CA LEU A 108 1.80 5.82 0.04
C LEU A 108 2.96 5.25 0.83
N VAL A 109 3.58 4.17 0.37
CA VAL A 109 4.75 3.58 1.01
C VAL A 109 5.86 4.62 1.13
N THR A 110 6.15 5.36 0.07
CA THR A 110 7.19 6.41 0.12
C THR A 110 6.84 7.55 1.07
N LEU A 111 5.56 7.96 1.10
CA LEU A 111 5.10 9.00 2.01
C LEU A 111 5.29 8.54 3.45
N ALA A 112 4.94 7.31 3.81
CA ALA A 112 5.13 6.76 5.12
C ALA A 112 6.59 6.82 5.58
N ILE A 113 7.45 6.48 4.60
CA ILE A 113 8.87 6.46 4.79
C ILE A 113 9.40 7.86 5.08
N HIS A 114 9.11 8.83 4.23
CA HIS A 114 9.65 10.17 4.42
C HIS A 114 8.90 10.98 5.43
N PHE A 115 7.62 10.69 5.74
CA PHE A 115 6.79 11.50 6.63
C PHE A 115 5.94 10.67 7.56
N PRO A 116 6.56 9.75 8.27
CA PRO A 116 5.96 8.77 9.14
C PRO A 116 5.09 9.34 10.25
N SER A 117 5.41 10.50 10.74
CA SER A 117 4.72 11.21 11.78
C SER A 117 3.51 12.00 11.26
N ASP A 118 3.70 12.55 10.06
CA ASP A 118 2.66 13.31 9.40
C ASP A 118 1.67 12.41 8.68
N PHE A 119 2.12 11.20 8.33
CA PHE A 119 1.28 10.27 7.55
C PHE A 119 0.47 9.35 8.44
N THR A 120 -0.52 9.98 9.08
CA THR A 120 -1.43 9.35 9.98
C THR A 120 -2.51 8.61 9.19
N PRO A 121 -3.30 7.84 9.93
CA PRO A 121 -4.42 7.09 9.38
C PRO A 121 -5.35 8.04 8.64
N GLU A 122 -5.65 9.17 9.28
CA GLU A 122 -6.55 10.19 8.75
C GLU A 122 -6.00 10.77 7.45
N VAL A 123 -4.68 11.00 7.48
CA VAL A 123 -4.03 11.52 6.26
C VAL A 123 -4.07 10.39 5.21
N HIS A 124 -3.85 9.16 5.69
CA HIS A 124 -3.79 7.99 4.87
C HIS A 124 -5.06 7.78 4.04
N ILE A 125 -6.20 7.70 4.73
CA ILE A 125 -7.47 7.48 4.04
C ILE A 125 -7.78 8.58 3.03
N ALA A 126 -7.61 9.84 3.38
CA ALA A 126 -7.88 10.94 2.45
C ALA A 126 -7.01 10.92 1.20
N VAL A 127 -5.70 10.76 1.34
CA VAL A 127 -4.77 10.73 0.23
C VAL A 127 -5.02 9.51 -0.64
N ASP A 128 -5.44 8.42 0.00
CA ASP A 128 -5.76 7.20 -0.78
C ASP A 128 -6.96 7.48 -1.68
N LYS A 129 -7.97 8.19 -1.14
CA LYS A 129 -9.16 8.52 -1.91
C LYS A 129 -8.82 9.43 -3.07
N PHE A 130 -7.97 10.41 -2.76
CA PHE A 130 -7.57 11.38 -3.78
C PHE A 130 -6.76 10.75 -4.88
N LEU A 131 -5.96 9.76 -4.49
CA LEU A 131 -5.09 9.11 -5.51
C LEU A 131 -6.00 8.25 -6.35
N ALA A 132 -7.03 7.69 -5.65
CA ALA A 132 -7.99 6.87 -6.42
C ALA A 132 -8.76 7.77 -7.38
N ALA A 133 -9.11 8.97 -6.92
CA ALA A 133 -9.86 9.88 -7.80
C ALA A 133 -9.00 10.39 -8.94
N VAL A 134 -7.69 10.58 -8.75
CA VAL A 134 -6.82 11.01 -9.86
C VAL A 134 -6.72 9.85 -10.86
N SER A 135 -6.67 8.61 -10.36
CA SER A 135 -6.60 7.42 -11.20
C SER A 135 -7.85 7.37 -12.06
N ALA A 136 -9.00 7.51 -11.43
CA ALA A 136 -10.29 7.54 -12.12
C ALA A 136 -10.38 8.61 -13.22
N ALA A 137 -9.87 9.79 -12.93
CA ALA A 137 -9.88 10.91 -13.85
C ALA A 137 -9.04 10.64 -15.08
N LEU A 138 -7.90 10.00 -14.84
CA LEU A 138 -6.94 9.62 -15.86
C LEU A 138 -7.47 8.49 -16.74
N ALA A 139 -8.22 7.58 -16.10
CA ALA A 139 -8.83 6.44 -16.78
C ALA A 139 -10.07 6.76 -17.60
N ASP A 140 -10.72 7.88 -17.29
CA ASP A 140 -11.95 8.35 -17.85
C ASP A 140 -12.15 8.28 -19.34
N LYS A 141 -11.13 8.65 -20.13
CA LYS A 141 -11.24 8.70 -21.57
C LYS A 141 -10.76 7.44 -22.25
N TYR A 142 -10.48 6.37 -21.50
CA TYR A 142 -9.91 5.18 -22.15
C TYR A 142 -10.76 4.51 -23.21
N ARG A 143 -12.06 4.49 -22.89
CA ARG A 143 -12.98 3.83 -23.82
C ARG A 143 -14.39 4.41 -23.68
N VAL B 1 6.94 -22.02 -2.18
CA VAL B 1 7.38 -21.31 -3.45
C VAL B 1 8.88 -21.44 -3.60
N GLU B 2 9.41 -21.13 -4.79
CA GLU B 2 10.89 -21.24 -4.89
C GLU B 2 11.50 -19.91 -4.40
N TRP B 3 12.22 -20.09 -3.30
CA TRP B 3 12.88 -19.07 -2.57
C TRP B 3 14.39 -19.36 -2.52
N THR B 4 15.13 -18.27 -2.66
CA THR B 4 16.59 -18.41 -2.56
C THR B 4 16.93 -18.20 -1.08
N ASP B 5 18.12 -18.60 -0.71
CA ASP B 5 18.57 -18.38 0.67
C ASP B 5 18.68 -16.90 0.98
N ALA B 6 19.06 -16.11 -0.02
CA ALA B 6 19.18 -14.65 0.20
C ALA B 6 17.81 -14.04 0.51
N GLU B 7 16.80 -14.56 -0.18
CA GLU B 7 15.43 -14.09 0.03
C GLU B 7 14.98 -14.40 1.45
N LYS B 8 15.32 -15.63 1.83
CA LYS B 8 15.00 -16.16 3.15
C LYS B 8 15.69 -15.30 4.19
N SER B 9 16.94 -14.93 3.94
CA SER B 9 17.63 -14.04 4.88
C SER B 9 17.04 -12.68 5.02
N THR B 10 16.57 -12.14 3.89
CA THR B 10 15.97 -10.79 3.86
C THR B 10 14.72 -10.72 4.70
N ILE B 11 13.84 -11.72 4.46
CA ILE B 11 12.59 -11.81 5.20
C ILE B 11 12.84 -12.00 6.68
N SER B 12 13.83 -12.84 7.03
CA SER B 12 14.10 -13.03 8.49
C SER B 12 14.69 -11.78 9.08
N ALA B 13 15.58 -11.10 8.36
CA ALA B 13 16.13 -9.81 8.80
C ALA B 13 15.06 -8.77 9.03
N VAL B 14 14.04 -8.68 8.15
CA VAL B 14 12.96 -7.69 8.31
C VAL B 14 12.13 -8.01 9.54
N TRP B 15 11.73 -9.29 9.62
CA TRP B 15 10.93 -9.77 10.73
C TRP B 15 11.71 -9.65 12.03
N GLY B 16 13.04 -9.70 11.98
CA GLY B 16 13.83 -9.53 13.21
C GLY B 16 13.68 -8.14 13.83
N LYS B 17 13.54 -7.12 13.01
CA LYS B 17 13.37 -5.73 13.43
C LYS B 17 11.93 -5.35 13.68
N VAL B 18 11.01 -6.31 13.43
CA VAL B 18 9.61 -5.95 13.65
C VAL B 18 9.19 -6.10 15.12
N ASN B 19 8.57 -5.06 15.67
CA ASN B 19 8.04 -5.13 17.03
C ASN B 19 6.53 -5.44 16.90
N ILE B 20 6.19 -6.70 17.12
CA ILE B 20 4.83 -7.22 17.06
C ILE B 20 3.87 -6.39 17.86
N ASP B 21 4.25 -5.95 19.07
CA ASP B 21 3.47 -5.13 19.95
C ASP B 21 3.14 -3.75 19.41
N GLU B 22 4.03 -3.25 18.54
CA GLU B 22 3.75 -1.90 18.00
C GLU B 22 3.09 -2.04 16.63
N ILE B 23 3.67 -2.90 15.79
CA ILE B 23 3.18 -3.03 14.42
C ILE B 23 1.85 -3.69 14.23
N GLY B 24 1.46 -4.67 15.03
CA GLY B 24 0.15 -5.35 14.81
C GLY B 24 -1.00 -4.39 14.98
N PRO B 25 -1.15 -3.84 16.17
CA PRO B 25 -2.13 -2.84 16.51
C PRO B 25 -2.25 -1.72 15.47
N LEU B 26 -1.11 -1.12 15.08
CA LEU B 26 -1.09 -0.07 14.08
C LEU B 26 -1.63 -0.53 12.73
N ALA B 27 -1.16 -1.70 12.31
CA ALA B 27 -1.55 -2.26 11.02
C ALA B 27 -3.04 -2.58 11.01
N LEU B 28 -3.48 -3.27 12.06
CA LEU B 28 -4.87 -3.64 12.14
C LEU B 28 -5.81 -2.44 12.23
N ALA B 29 -5.42 -1.48 13.05
CA ALA B 29 -6.27 -0.30 13.26
C ALA B 29 -6.30 0.57 12.02
N ARG B 30 -5.19 0.62 11.29
CA ARG B 30 -5.14 1.41 10.04
C ARG B 30 -6.01 0.77 8.96
N VAL B 31 -6.13 -0.56 8.92
CA VAL B 31 -7.00 -1.27 7.99
C VAL B 31 -8.48 -0.93 8.22
N LEU B 32 -8.86 -0.94 9.49
CA LEU B 32 -10.23 -0.62 9.89
C LEU B 32 -10.60 0.82 9.61
N ILE B 33 -9.65 1.71 9.60
CA ILE B 33 -9.93 3.12 9.30
C ILE B 33 -9.90 3.39 7.81
N VAL B 34 -8.89 2.90 7.08
CA VAL B 34 -8.79 3.17 5.63
C VAL B 34 -9.75 2.42 4.76
N TYR B 35 -10.19 1.22 5.15
CA TYR B 35 -11.16 0.32 4.50
C TYR B 35 -12.22 -0.05 5.54
N PRO B 36 -13.07 0.93 5.85
CA PRO B 36 -14.02 0.88 6.96
C PRO B 36 -15.01 -0.24 6.89
N TRP B 37 -15.23 -0.86 5.73
CA TRP B 37 -16.13 -2.02 5.65
C TRP B 37 -15.54 -3.25 6.34
N THR B 38 -14.22 -3.31 6.58
CA THR B 38 -13.67 -4.48 7.31
C THR B 38 -14.07 -4.47 8.79
N GLN B 39 -14.73 -3.40 9.29
CA GLN B 39 -15.18 -3.33 10.65
C GLN B 39 -16.30 -4.30 10.92
N ARG B 40 -16.94 -4.77 9.86
CA ARG B 40 -18.11 -5.64 10.01
C ARG B 40 -17.87 -6.95 10.71
N TYR B 41 -16.63 -7.40 10.85
CA TYR B 41 -16.24 -8.59 11.55
C TYR B 41 -15.89 -8.32 13.01
N PHE B 42 -15.75 -7.05 13.39
CA PHE B 42 -15.31 -6.66 14.72
C PHE B 42 -16.35 -6.05 15.63
N GLY B 43 -17.55 -6.61 15.48
CA GLY B 43 -18.73 -6.23 16.20
C GLY B 43 -18.62 -6.46 17.71
N SER B 44 -18.12 -7.64 18.09
CA SER B 44 -17.93 -7.97 19.50
C SER B 44 -16.83 -7.16 20.19
N PHE B 45 -16.00 -6.42 19.48
CA PHE B 45 -14.92 -5.62 20.00
C PHE B 45 -15.36 -4.30 20.58
N GLY B 46 -16.64 -4.01 20.47
CA GLY B 46 -17.19 -2.78 20.95
C GLY B 46 -17.18 -1.76 19.81
N ASN B 47 -16.89 -0.53 20.19
CA ASN B 47 -16.89 0.61 19.31
C ASN B 47 -15.61 0.74 18.48
N VAL B 48 -15.80 0.39 17.21
CA VAL B 48 -14.77 0.51 16.18
C VAL B 48 -15.29 1.47 15.11
N SER B 49 -16.01 2.51 15.54
CA SER B 49 -16.62 3.47 14.65
C SER B 49 -15.69 4.49 14.01
N THR B 50 -14.92 5.13 14.88
CA THR B 50 -14.04 6.21 14.46
C THR B 50 -12.60 5.87 14.68
N PRO B 51 -11.71 6.61 14.05
CA PRO B 51 -10.27 6.41 14.15
C PRO B 51 -9.87 6.40 15.61
N ALA B 52 -10.31 7.46 16.28
CA ALA B 52 -10.11 7.75 17.69
C ALA B 52 -10.57 6.56 18.53
N ALA B 53 -11.78 6.07 18.23
CA ALA B 53 -12.31 4.89 18.88
C ALA B 53 -11.46 3.68 18.50
N ILE B 54 -11.20 3.56 17.18
CA ILE B 54 -10.47 2.40 16.69
C ILE B 54 -9.09 2.28 17.32
N MET B 55 -8.36 3.39 17.30
CA MET B 55 -7.01 3.49 17.81
C MET B 55 -6.88 3.33 19.31
N GLY B 56 -7.96 3.45 20.08
CA GLY B 56 -7.84 3.22 21.52
C GLY B 56 -8.50 1.90 21.94
N ASN B 57 -9.08 1.17 20.99
CA ASN B 57 -9.76 -0.08 21.37
C ASN B 57 -8.73 -1.16 21.66
N PRO B 58 -8.70 -1.65 22.89
CA PRO B 58 -7.83 -2.65 23.40
C PRO B 58 -7.92 -4.01 22.73
N LYS B 59 -9.15 -4.36 22.38
CA LYS B 59 -9.44 -5.63 21.70
C LYS B 59 -8.87 -5.57 20.29
N VAL B 60 -8.87 -4.36 19.71
CA VAL B 60 -8.26 -4.15 18.40
C VAL B 60 -6.75 -4.42 18.49
N ALA B 61 -6.13 -3.76 19.45
CA ALA B 61 -4.69 -3.88 19.68
C ALA B 61 -4.32 -5.33 19.93
N ALA B 62 -5.06 -5.95 20.86
CA ALA B 62 -4.80 -7.36 21.16
C ALA B 62 -4.89 -8.14 19.87
N HIS B 63 -5.97 -7.94 19.09
CA HIS B 63 -6.09 -8.74 17.85
C HIS B 63 -4.98 -8.46 16.86
N GLY B 64 -4.54 -7.20 16.80
CA GLY B 64 -3.44 -6.85 15.92
C GLY B 64 -2.21 -7.69 16.29
N LYS B 65 -1.91 -7.86 17.57
CA LYS B 65 -0.77 -8.70 17.97
C LYS B 65 -0.95 -10.15 17.53
N VAL B 66 -2.20 -10.63 17.67
CA VAL B 66 -2.46 -12.00 17.25
C VAL B 66 -2.21 -12.14 15.76
N VAL B 67 -2.84 -11.26 14.96
CA VAL B 67 -2.69 -11.45 13.51
C VAL B 67 -1.24 -11.41 13.05
N CYS B 68 -0.54 -10.42 13.56
CA CYS B 68 0.87 -10.18 13.21
C CYS B 68 1.75 -11.25 13.77
N GLY B 69 1.37 -11.78 14.95
CA GLY B 69 2.13 -12.88 15.53
C GLY B 69 2.09 -14.11 14.65
N ALA B 70 0.95 -14.44 14.05
CA ALA B 70 0.72 -15.55 13.15
C ALA B 70 1.61 -15.56 11.91
N LEU B 71 2.18 -14.40 11.55
CA LEU B 71 3.12 -14.30 10.43
C LEU B 71 4.44 -14.99 10.79
N ASP B 72 4.77 -15.05 12.09
CA ASP B 72 5.99 -15.75 12.48
C ASP B 72 6.09 -17.12 11.85
N LYS B 73 4.99 -17.87 11.79
CA LYS B 73 5.05 -19.21 11.19
C LYS B 73 5.33 -19.07 9.69
N ALA B 74 4.75 -18.06 9.02
CA ALA B 74 5.07 -17.92 7.59
C ALA B 74 6.59 -17.68 7.48
N VAL B 75 7.04 -16.70 8.27
CA VAL B 75 8.47 -16.33 8.28
C VAL B 75 9.33 -17.56 8.55
N LYS B 76 8.93 -18.45 9.48
CA LYS B 76 9.75 -19.62 9.74
C LYS B 76 9.50 -20.80 8.84
N ASN B 77 8.54 -20.88 7.91
CA ASN B 77 8.35 -22.00 7.01
C ASN B 77 8.35 -21.58 5.56
N MET B 78 9.26 -20.74 5.10
CA MET B 78 9.20 -20.27 3.72
C MET B 78 9.13 -21.34 2.66
N GLY B 79 9.46 -22.60 2.91
CA GLY B 79 9.28 -23.62 1.85
C GLY B 79 7.80 -23.99 1.73
N ASN B 80 7.08 -24.13 2.84
CA ASN B 80 5.68 -24.51 2.76
C ASN B 80 4.69 -23.64 3.52
N ILE B 81 4.51 -22.43 2.96
CA ILE B 81 3.53 -21.51 3.56
C ILE B 81 2.12 -22.02 3.30
N LEU B 82 1.81 -22.54 2.12
CA LEU B 82 0.49 -23.06 1.81
C LEU B 82 -0.03 -24.00 2.89
N ALA B 83 0.77 -25.02 3.14
CA ALA B 83 0.41 -26.04 4.13
C ALA B 83 0.42 -25.51 5.55
N THR B 84 1.30 -24.57 5.90
CA THR B 84 1.31 -24.04 7.26
C THR B 84 0.05 -23.26 7.60
N TYR B 85 -0.62 -22.70 6.56
CA TYR B 85 -1.79 -21.86 6.89
C TYR B 85 -3.11 -22.45 6.45
N LYS B 86 -3.08 -23.71 6.03
CA LYS B 86 -4.28 -24.42 5.59
C LYS B 86 -5.43 -24.30 6.57
N SER B 87 -5.12 -24.76 7.78
CA SER B 87 -6.07 -24.70 8.86
C SER B 87 -6.57 -23.29 9.11
N LEU B 88 -5.65 -22.29 9.15
CA LEU B 88 -6.05 -20.91 9.42
C LEU B 88 -6.99 -20.38 8.33
N SER B 89 -6.69 -20.80 7.10
CA SER B 89 -7.47 -20.43 5.93
C SER B 89 -8.90 -21.00 6.02
N GLU B 90 -9.06 -22.23 6.52
CA GLU B 90 -10.38 -22.82 6.72
C GLU B 90 -11.16 -22.14 7.84
N THR B 91 -10.53 -21.64 8.95
CA THR B 91 -11.40 -20.98 9.96
C THR B 91 -11.86 -19.64 9.41
N HIS B 92 -10.98 -19.01 8.63
CA HIS B 92 -11.33 -17.71 8.03
C HIS B 92 -12.45 -17.88 7.01
N ALA B 93 -12.40 -18.99 6.24
CA ALA B 93 -13.41 -19.20 5.22
C ALA B 93 -14.73 -19.71 5.74
N ASN B 94 -14.62 -20.66 6.69
CA ASN B 94 -15.79 -21.33 7.20
C ASN B 94 -16.32 -20.91 8.55
N LYS B 95 -15.53 -20.23 9.38
CA LYS B 95 -16.10 -19.87 10.69
C LYS B 95 -16.21 -18.37 10.74
N LEU B 96 -15.23 -17.68 10.15
CA LEU B 96 -15.31 -16.22 10.25
C LEU B 96 -15.90 -15.54 9.04
N PHE B 97 -15.90 -16.22 7.91
CA PHE B 97 -16.41 -15.70 6.64
C PHE B 97 -15.80 -14.38 6.23
N VAL B 98 -14.48 -14.26 6.37
CA VAL B 98 -13.75 -13.08 5.95
C VAL B 98 -13.52 -13.13 4.44
N ASP B 99 -13.92 -12.05 3.78
CA ASP B 99 -13.66 -11.97 2.32
C ASP B 99 -12.13 -12.01 2.20
N PRO B 100 -11.57 -12.90 1.40
CA PRO B 100 -10.15 -13.08 1.20
C PRO B 100 -9.49 -11.90 0.54
N ASP B 101 -10.30 -11.02 -0.10
CA ASP B 101 -9.63 -9.81 -0.67
C ASP B 101 -9.15 -8.93 0.46
N ASN B 102 -9.74 -9.07 1.65
CA ASN B 102 -9.39 -8.37 2.86
C ASN B 102 -7.94 -8.70 3.25
N PHE B 103 -7.47 -9.92 2.94
CA PHE B 103 -6.07 -10.24 3.26
C PHE B 103 -5.13 -9.41 2.42
N ARG B 104 -5.58 -9.07 1.19
CA ARG B 104 -4.76 -8.22 0.32
C ARG B 104 -4.63 -6.80 0.84
N VAL B 105 -5.70 -6.14 1.28
CA VAL B 105 -5.49 -4.75 1.77
C VAL B 105 -4.73 -4.76 3.08
N LEU B 106 -4.82 -5.84 3.89
CA LEU B 106 -4.08 -5.90 5.13
C LEU B 106 -2.56 -5.94 4.86
N ALA B 107 -2.21 -6.75 3.86
CA ALA B 107 -0.84 -6.92 3.42
C ALA B 107 -0.25 -5.59 2.97
N ASP B 108 -1.07 -4.82 2.24
CA ASP B 108 -0.63 -3.50 1.80
C ASP B 108 -0.42 -2.53 2.94
N VAL B 109 -1.39 -2.52 3.86
CA VAL B 109 -1.31 -1.62 5.01
C VAL B 109 -0.16 -1.98 5.96
N LEU B 110 0.05 -3.29 6.22
CA LEU B 110 1.16 -3.75 7.05
C LEU B 110 2.49 -3.24 6.46
N THR B 111 2.58 -3.44 5.14
CA THR B 111 3.78 -2.98 4.40
C THR B 111 3.97 -1.48 4.63
N ILE B 112 2.84 -0.74 4.59
CA ILE B 112 2.93 0.72 4.78
C ILE B 112 3.42 1.11 6.18
N VAL B 113 2.98 0.40 7.20
CA VAL B 113 3.36 0.64 8.61
C VAL B 113 4.82 0.28 8.81
N ILE B 114 5.20 -0.89 8.23
CA ILE B 114 6.60 -1.30 8.28
C ILE B 114 7.47 -0.23 7.64
N ALA B 115 7.16 0.27 6.45
CA ALA B 115 7.93 1.34 5.82
C ALA B 115 8.05 2.56 6.75
N ALA B 116 6.95 2.98 7.40
CA ALA B 116 6.97 4.10 8.29
C ALA B 116 7.94 3.83 9.44
N LYS B 117 7.94 2.59 9.95
CA LYS B 117 8.84 2.32 11.08
C LYS B 117 10.26 2.07 10.63
N PHE B 118 10.51 1.48 9.45
CA PHE B 118 11.93 1.24 9.11
C PHE B 118 12.56 2.42 8.42
N GLY B 119 11.71 3.26 7.79
CA GLY B 119 12.23 4.36 6.99
C GLY B 119 13.08 3.86 5.84
N ALA B 120 14.09 4.65 5.49
CA ALA B 120 15.02 4.35 4.41
C ALA B 120 15.67 2.99 4.41
N SER B 121 15.75 2.30 5.56
CA SER B 121 16.30 0.96 5.57
C SER B 121 15.30 0.03 4.88
N PHE B 122 14.05 0.44 4.65
CA PHE B 122 13.12 -0.41 3.87
C PHE B 122 13.42 -0.08 2.41
N THR B 123 14.49 -0.61 1.84
CA THR B 123 14.88 -0.31 0.45
C THR B 123 13.91 -0.92 -0.55
N PRO B 124 13.88 -0.45 -1.79
CA PRO B 124 13.07 -0.96 -2.88
C PRO B 124 13.28 -2.44 -3.11
N GLU B 125 14.56 -2.82 -2.92
CA GLU B 125 14.92 -4.24 -3.07
C GLU B 125 14.33 -5.06 -1.94
N ILE B 126 14.33 -4.46 -0.75
CA ILE B 126 13.77 -5.22 0.40
C ILE B 126 12.26 -5.31 0.26
N GLN B 127 11.69 -4.15 -0.14
CA GLN B 127 10.23 -4.11 -0.34
C GLN B 127 9.81 -5.09 -1.42
N ALA B 128 10.61 -5.27 -2.47
CA ALA B 128 10.31 -6.27 -3.51
C ALA B 128 10.29 -7.68 -2.95
N THR B 129 11.27 -7.98 -2.04
CA THR B 129 11.22 -9.36 -1.49
C THR B 129 10.09 -9.50 -0.51
N TRP B 130 9.86 -8.44 0.29
CA TRP B 130 8.72 -8.47 1.24
C TRP B 130 7.41 -8.64 0.49
N GLN B 131 7.26 -8.06 -0.71
CA GLN B 131 6.01 -8.12 -1.49
C GLN B 131 5.82 -9.50 -2.13
N LYS B 132 6.92 -10.17 -2.44
CA LYS B 132 6.79 -11.54 -2.96
C LYS B 132 6.28 -12.45 -1.86
N PHE B 133 6.82 -12.28 -0.65
CA PHE B 133 6.41 -13.01 0.54
C PHE B 133 4.97 -12.72 0.91
N MET B 134 4.61 -11.42 0.95
CA MET B 134 3.21 -11.04 1.25
C MET B 134 2.28 -11.80 0.28
N LYS B 135 2.59 -11.80 -1.01
CA LYS B 135 1.75 -12.46 -2.01
C LYS B 135 1.54 -13.94 -1.76
N VAL B 136 2.56 -14.65 -1.30
CA VAL B 136 2.42 -16.09 -0.99
C VAL B 136 1.52 -16.19 0.24
N VAL B 137 1.76 -15.32 1.27
CA VAL B 137 0.95 -15.36 2.48
C VAL B 137 -0.53 -15.10 2.18
N VAL B 138 -0.76 -14.06 1.39
CA VAL B 138 -2.17 -13.77 1.02
C VAL B 138 -2.83 -14.93 0.31
N ALA B 139 -2.12 -15.50 -0.66
CA ALA B 139 -2.61 -16.63 -1.45
C ALA B 139 -2.87 -17.82 -0.54
N ALA B 140 -1.99 -18.04 0.43
CA ALA B 140 -2.14 -19.14 1.40
C ALA B 140 -3.36 -18.92 2.27
N MET B 141 -3.58 -17.70 2.74
CA MET B 141 -4.76 -17.39 3.59
C MET B 141 -6.04 -17.56 2.81
N GLY B 142 -5.98 -17.33 1.44
CA GLY B 142 -7.26 -17.50 0.71
C GLY B 142 -7.44 -18.79 0.02
N SER B 143 -6.61 -19.77 0.26
CA SER B 143 -6.58 -21.05 -0.42
C SER B 143 -7.62 -22.08 -0.07
N ARG B 144 -8.26 -21.96 1.10
CA ARG B 144 -9.25 -22.99 1.47
C ARG B 144 -10.64 -22.41 1.33
N TYR B 145 -10.81 -21.38 0.50
CA TYR B 145 -12.18 -20.87 0.27
C TYR B 145 -12.85 -21.66 -0.86
N PHE B 146 -13.85 -22.51 -0.52
CA PHE B 146 -14.56 -23.29 -1.51
C PHE B 146 -16.06 -23.04 -1.42
#